data_8S1J
#
_entry.id   8S1J
#
_cell.length_a   51.254
_cell.length_b   96.135
_cell.length_c   78.311
_cell.angle_alpha   90.00
_cell.angle_beta   108.66
_cell.angle_gamma   90.00
#
_symmetry.space_group_name_H-M   'P 1 21 1'
#
loop_
_entity.id
_entity.type
_entity.pdbx_description
1 polymer 'Trans-anethole oxygenase'
2 non-polymer 'PROTOPORPHYRIN IX CONTAINING FE'
3 non-polymer GLYCEROL
4 non-polymer 'CHLORIDE ION'
5 water water
#
_entity_poly.entity_id   1
_entity_poly.type   'polypeptide(L)'
_entity_poly.pdbx_seq_one_letter_code
;GARTKPDKWIRDEIERLDPHVDYARIWQLTMTYYVDDFLMNLIYTLGIPAFTQPPLGSIMMGQVTRKAVDHGQKRADDTL
QHFWRWFEYGPADERAQASLAQVNKIHQALAKRQPGTFPARDVIYTSSWIGVAFHRLRLAAGLPGLSDKQRIAAHHFWAG
FGSIFWSEDGYVTNYPDSFEAMLKFVEDYEAEDWEKVESGRILGQAINEQFYDAYFPGQLRALGEQLVLSLQTPGIRRLM
DMGDPDPQAQKIVLMMLNQYLTLIEDVLPDPELSRPERARLEGIRPPQHIDPPIAKILCPFKGISH
;
_entity_poly.pdbx_strand_id   A,B
#
# COMPACT_ATOMS: atom_id res chain seq x y z
N ARG A 3 -1.85 3.21 25.97
CA ARG A 3 -0.88 2.13 25.69
C ARG A 3 -0.72 1.27 26.94
N THR A 4 -0.90 -0.04 26.77
CA THR A 4 -0.77 -1.02 27.85
C THR A 4 0.68 -1.49 27.97
N LYS A 5 1.42 -1.53 26.86
CA LYS A 5 2.77 -2.11 26.84
C LYS A 5 3.82 -1.07 26.50
N PRO A 6 5.12 -1.29 26.80
CA PRO A 6 6.16 -0.39 26.32
C PRO A 6 6.25 -0.38 24.79
N ASP A 7 6.83 0.70 24.26
CA ASP A 7 6.95 0.86 22.83
C ASP A 7 7.69 -0.34 22.24
N LYS A 8 8.70 -0.86 22.95
CA LYS A 8 9.42 -2.03 22.47
C LYS A 8 9.36 -3.13 23.52
N TRP A 9 8.66 -4.24 23.20
CA TRP A 9 8.54 -5.35 24.15
C TRP A 9 8.71 -6.71 23.48
N ILE A 10 8.54 -6.81 22.15
CA ILE A 10 8.49 -8.12 21.54
C ILE A 10 9.86 -8.77 21.59
N ARG A 11 10.90 -8.05 21.16
CA ARG A 11 12.25 -8.60 21.14
C ARG A 11 12.61 -9.12 22.53
N ASP A 12 12.37 -8.29 23.55
CA ASP A 12 12.70 -8.57 24.93
C ASP A 12 11.94 -9.78 25.43
N GLU A 13 10.65 -9.90 25.09
CA GLU A 13 9.90 -11.03 25.57
C GLU A 13 10.46 -12.31 24.94
N ILE A 14 10.80 -12.30 23.63
CA ILE A 14 11.44 -13.49 23.07
C ILE A 14 12.68 -13.86 23.89
N GLU A 15 13.48 -12.85 24.28
CA GLU A 15 14.78 -13.08 24.89
C GLU A 15 14.58 -13.73 26.25
N ARG A 16 13.43 -13.45 26.87
CA ARG A 16 13.08 -13.99 28.17
C ARG A 16 12.63 -15.44 28.07
N LEU A 17 12.22 -15.89 26.89
CA LEU A 17 11.55 -17.18 26.80
C LEU A 17 12.56 -18.28 26.52
N ASP A 18 12.13 -19.52 26.79
CA ASP A 18 12.92 -20.72 26.55
C ASP A 18 12.48 -21.31 25.22
N PRO A 19 13.36 -21.35 24.21
CA PRO A 19 12.95 -21.76 22.87
C PRO A 19 12.60 -23.25 22.74
N HIS A 20 12.99 -24.06 23.74
CA HIS A 20 12.68 -25.47 23.74
C HIS A 20 11.31 -25.73 24.36
N VAL A 21 10.78 -24.79 25.16
CA VAL A 21 9.52 -24.98 25.88
C VAL A 21 8.46 -24.05 25.33
N ASP A 22 8.86 -22.81 25.06
CA ASP A 22 7.96 -21.73 24.70
C ASP A 22 8.00 -21.53 23.18
N TYR A 23 8.26 -22.59 22.42
CA TYR A 23 8.44 -22.46 20.98
C TYR A 23 7.18 -21.93 20.32
N ALA A 24 6.00 -22.32 20.80
CA ALA A 24 4.76 -21.84 20.23
C ALA A 24 4.65 -20.32 20.37
N ARG A 25 4.93 -19.81 21.58
CA ARG A 25 4.85 -18.38 21.85
C ARG A 25 5.88 -17.62 21.00
N ILE A 26 7.11 -18.14 20.90
CA ILE A 26 8.13 -17.43 20.13
C ILE A 26 7.75 -17.38 18.65
N TRP A 27 7.25 -18.48 18.10
CA TRP A 27 6.83 -18.46 16.70
C TRP A 27 5.70 -17.45 16.53
N GLN A 28 4.77 -17.40 17.51
CA GLN A 28 3.67 -16.46 17.44
C GLN A 28 4.18 -15.02 17.40
N LEU A 29 5.16 -14.72 18.23
CA LEU A 29 5.74 -13.39 18.30
C LEU A 29 6.53 -13.05 17.03
N THR A 30 6.99 -14.10 16.33
CA THR A 30 7.82 -13.95 15.15
C THR A 30 6.94 -13.75 13.91
N MET A 31 5.74 -14.36 13.92
CA MET A 31 4.99 -14.53 12.70
C MET A 31 3.60 -13.89 12.72
N THR A 32 3.16 -13.27 13.82
CA THR A 32 1.77 -12.81 13.85
C THR A 32 1.64 -11.43 14.49
N TYR A 33 2.73 -10.73 14.78
CA TYR A 33 2.57 -9.39 15.35
C TYR A 33 2.93 -8.34 14.31
N TYR A 34 4.17 -8.38 13.82
CA TYR A 34 4.62 -7.44 12.82
C TYR A 34 4.03 -7.78 11.46
N VAL A 35 3.75 -9.08 11.22
CA VAL A 35 3.21 -9.59 9.99
C VAL A 35 1.72 -9.23 9.92
N ASP A 36 1.30 -8.67 8.78
CA ASP A 36 -0.10 -8.34 8.51
C ASP A 36 -0.59 -9.18 7.34
N ASP A 37 -1.83 -8.87 6.89
CA ASP A 37 -2.49 -9.66 5.87
C ASP A 37 -1.71 -9.60 4.56
N PHE A 38 -1.11 -8.44 4.30
CA PHE A 38 -0.33 -8.19 3.09
C PHE A 38 0.91 -9.10 3.06
N LEU A 39 1.71 -9.09 4.13
CA LEU A 39 2.89 -9.91 4.20
C LEU A 39 2.52 -11.39 4.24
N MET A 40 1.43 -11.74 4.94
CA MET A 40 1.04 -13.15 4.97
C MET A 40 0.61 -13.62 3.58
N ASN A 41 -0.11 -12.76 2.84
CA ASN A 41 -0.46 -13.08 1.47
C ASN A 41 0.82 -13.20 0.64
N LEU A 42 1.80 -12.32 0.87
CA LEU A 42 3.05 -12.40 0.11
C LEU A 42 3.71 -13.77 0.28
N ILE A 43 3.74 -14.27 1.52
CA ILE A 43 4.31 -15.57 1.80
C ILE A 43 3.55 -16.70 1.11
N TYR A 44 2.21 -16.73 1.21
CA TYR A 44 1.43 -17.72 0.49
C TYR A 44 1.72 -17.67 -1.02
N THR A 45 1.81 -16.47 -1.61
CA THR A 45 2.03 -16.33 -3.05
C THR A 45 3.40 -16.89 -3.45
N LEU A 46 4.40 -16.69 -2.58
CA LEU A 46 5.74 -17.22 -2.84
C LEU A 46 5.74 -18.73 -2.61
N GLY A 47 4.83 -19.21 -1.76
CA GLY A 47 4.88 -20.58 -1.30
C GLY A 47 4.21 -21.55 -2.29
N ILE A 48 2.99 -21.27 -2.71
CA ILE A 48 2.27 -22.28 -3.50
C ILE A 48 3.13 -22.76 -4.66
N PRO A 49 3.80 -21.90 -5.47
CA PRO A 49 4.59 -22.41 -6.61
C PRO A 49 5.80 -23.23 -6.17
N ALA A 50 6.31 -22.94 -4.95
CA ALA A 50 7.36 -23.76 -4.35
C ALA A 50 6.80 -25.15 -4.02
N PHE A 51 5.63 -25.17 -3.36
CA PHE A 51 5.02 -26.41 -2.91
C PHE A 51 4.70 -27.33 -4.10
N THR A 52 4.46 -26.74 -5.27
CA THR A 52 3.97 -27.48 -6.41
C THR A 52 5.07 -27.66 -7.47
N GLN A 53 6.34 -27.69 -7.06
CA GLN A 53 7.41 -28.05 -7.96
C GLN A 53 7.17 -29.46 -8.51
N PRO A 54 6.69 -30.47 -7.72
CA PRO A 54 6.31 -31.78 -8.28
C PRO A 54 5.15 -31.60 -9.25
N PRO A 55 5.28 -32.10 -10.51
CA PRO A 55 4.20 -32.00 -11.47
C PRO A 55 2.81 -32.38 -10.96
N LEU A 56 2.70 -33.44 -10.15
CA LEU A 56 1.39 -33.90 -9.70
C LEU A 56 0.70 -32.83 -8.83
N GLY A 57 1.46 -31.97 -8.16
CA GLY A 57 0.87 -30.91 -7.36
C GLY A 57 0.32 -29.77 -8.20
N SER A 58 1.03 -29.31 -9.23
CA SER A 58 0.51 -28.25 -10.10
C SER A 58 -0.68 -28.77 -10.89
N ILE A 59 -0.63 -30.05 -11.27
CA ILE A 59 -1.75 -30.69 -11.94
C ILE A 59 -2.97 -30.69 -11.04
N MET A 60 -2.79 -31.14 -9.80
CA MET A 60 -3.85 -31.24 -8.79
C MET A 60 -4.52 -29.88 -8.57
N MET A 61 -3.75 -28.83 -8.32
CA MET A 61 -4.35 -27.52 -8.01
C MET A 61 -4.90 -26.85 -9.26
N GLY A 62 -4.11 -26.86 -10.34
CA GLY A 62 -4.36 -26.06 -11.54
C GLY A 62 -5.35 -26.70 -12.51
N GLN A 63 -5.33 -28.04 -12.65
CA GLN A 63 -6.16 -28.75 -13.61
C GLN A 63 -7.28 -29.53 -12.90
N VAL A 64 -6.97 -30.27 -11.83
CA VAL A 64 -7.94 -31.16 -11.21
C VAL A 64 -9.01 -30.37 -10.46
N THR A 65 -8.63 -29.63 -9.40
CA THR A 65 -9.62 -28.89 -8.64
C THR A 65 -9.86 -27.51 -9.24
N ARG A 66 -8.81 -26.85 -9.76
CA ARG A 66 -8.91 -25.56 -10.44
C ARG A 66 -9.16 -24.41 -9.45
N LYS A 67 -9.14 -24.67 -8.15
CA LYS A 67 -9.58 -23.65 -7.20
C LYS A 67 -8.66 -22.45 -7.25
N ALA A 68 -7.34 -22.65 -7.36
CA ALA A 68 -6.37 -21.58 -7.49
C ALA A 68 -6.55 -20.79 -8.77
N VAL A 69 -7.01 -21.44 -9.86
CA VAL A 69 -7.19 -20.77 -11.15
C VAL A 69 -8.53 -20.05 -11.23
N ASP A 70 -9.62 -20.67 -10.75
CA ASP A 70 -10.94 -20.11 -10.95
C ASP A 70 -11.38 -19.28 -9.75
N HIS A 71 -10.85 -19.59 -8.54
CA HIS A 71 -11.21 -18.87 -7.34
C HIS A 71 -9.97 -18.57 -6.52
N GLY A 72 -8.98 -17.91 -7.10
CA GLY A 72 -7.71 -17.65 -6.41
C GLY A 72 -7.86 -16.88 -5.08
N GLN A 73 -8.71 -15.87 -5.03
CA GLN A 73 -8.89 -15.09 -3.81
C GLN A 73 -9.43 -15.95 -2.65
N LYS A 74 -10.43 -16.80 -2.95
CA LYS A 74 -11.01 -17.70 -1.95
C LYS A 74 -9.97 -18.71 -1.46
N ARG A 75 -9.17 -19.27 -2.36
CA ARG A 75 -8.14 -20.23 -2.01
C ARG A 75 -7.15 -19.59 -1.03
N ALA A 76 -6.73 -18.36 -1.33
CA ALA A 76 -5.76 -17.65 -0.50
C ALA A 76 -6.34 -17.42 0.89
N ASP A 77 -7.57 -16.88 0.93
CA ASP A 77 -8.24 -16.63 2.20
C ASP A 77 -8.44 -17.95 2.96
N ASP A 78 -8.90 -19.00 2.28
CA ASP A 78 -9.17 -20.28 2.92
C ASP A 78 -7.90 -20.89 3.52
N THR A 79 -6.78 -20.85 2.77
CA THR A 79 -5.52 -21.36 3.29
C THR A 79 -5.09 -20.58 4.52
N LEU A 80 -5.14 -19.24 4.42
CA LEU A 80 -4.62 -18.40 5.49
C LEU A 80 -5.45 -18.45 6.77
N GLN A 81 -6.75 -18.76 6.67
CA GLN A 81 -7.56 -18.90 7.85
C GLN A 81 -6.97 -19.98 8.74
N HIS A 82 -6.51 -21.07 8.11
CA HIS A 82 -5.85 -22.17 8.79
C HIS A 82 -4.49 -21.70 9.30
N PHE A 83 -3.68 -21.04 8.47
CA PHE A 83 -2.30 -20.76 8.86
C PHE A 83 -2.28 -19.81 10.06
N TRP A 84 -3.10 -18.75 10.03
CA TRP A 84 -3.13 -17.81 11.13
C TRP A 84 -3.53 -18.53 12.43
N ARG A 85 -4.51 -19.45 12.34
CA ARG A 85 -4.96 -20.20 13.50
C ARG A 85 -3.84 -21.07 14.06
N TRP A 86 -3.13 -21.81 13.20
CA TRP A 86 -1.98 -22.61 13.65
C TRP A 86 -0.92 -21.73 14.30
N PHE A 87 -0.67 -20.57 13.70
CA PHE A 87 0.44 -19.74 14.12
C PHE A 87 0.11 -19.09 15.46
N GLU A 88 -1.19 -18.83 15.70
CA GLU A 88 -1.59 -18.10 16.89
C GLU A 88 -1.46 -19.00 18.13
N TYR A 89 -1.77 -20.30 17.99
CA TYR A 89 -1.96 -21.16 19.14
C TYR A 89 -0.98 -22.31 19.17
N GLY A 90 -0.54 -22.80 18.02
CA GLY A 90 0.49 -23.84 18.02
C GLY A 90 -0.08 -25.26 18.06
N PRO A 91 0.79 -26.25 17.79
CA PRO A 91 0.35 -27.63 17.60
C PRO A 91 -0.15 -28.35 18.86
N ALA A 92 0.13 -27.81 20.05
CA ALA A 92 -0.35 -28.44 21.27
C ALA A 92 -1.79 -28.02 21.54
N ASP A 93 -2.30 -27.02 20.81
CA ASP A 93 -3.62 -26.47 21.10
C ASP A 93 -4.70 -27.13 20.23
N GLU A 94 -5.79 -27.54 20.88
CA GLU A 94 -6.91 -28.18 20.19
C GLU A 94 -7.49 -27.34 19.06
N ARG A 95 -7.54 -26.00 19.22
CA ARG A 95 -8.10 -25.14 18.17
C ARG A 95 -7.30 -25.27 16.88
N ALA A 96 -5.97 -25.39 16.98
CA ALA A 96 -5.13 -25.57 15.80
C ALA A 96 -5.25 -26.99 15.27
N GLN A 97 -5.24 -27.97 16.18
CA GLN A 97 -5.31 -29.38 15.84
C GLN A 97 -6.60 -29.70 15.08
N ALA A 98 -7.74 -29.13 15.50
CA ALA A 98 -9.00 -29.42 14.85
C ALA A 98 -9.05 -28.82 13.44
N SER A 99 -8.36 -27.68 13.24
CA SER A 99 -8.19 -27.13 11.89
C SER A 99 -7.34 -28.05 11.02
N LEU A 100 -6.20 -28.48 11.54
CA LEU A 100 -5.30 -29.38 10.80
C LEU A 100 -6.00 -30.69 10.44
N ALA A 101 -6.88 -31.15 11.35
CA ALA A 101 -7.60 -32.39 11.10
C ALA A 101 -8.45 -32.27 9.85
N GLN A 102 -9.03 -31.09 9.64
CA GLN A 102 -9.80 -30.78 8.44
C GLN A 102 -8.91 -30.78 7.19
N VAL A 103 -7.73 -30.14 7.27
CA VAL A 103 -6.78 -30.13 6.17
C VAL A 103 -6.35 -31.56 5.85
N ASN A 104 -6.03 -32.38 6.88
CA ASN A 104 -5.70 -33.78 6.66
C ASN A 104 -6.82 -34.49 5.90
N LYS A 105 -8.08 -34.25 6.29
CA LYS A 105 -9.20 -34.90 5.63
C LYS A 105 -9.29 -34.48 4.15
N ILE A 106 -9.08 -33.17 3.88
CA ILE A 106 -9.07 -32.66 2.51
C ILE A 106 -8.01 -33.38 1.70
N HIS A 107 -6.77 -33.41 2.23
CA HIS A 107 -5.67 -34.02 1.50
C HIS A 107 -5.94 -35.51 1.24
N GLN A 108 -6.54 -36.18 2.23
CA GLN A 108 -6.83 -37.62 2.11
C GLN A 108 -7.76 -37.89 0.93
N ALA A 109 -8.76 -37.03 0.69
CA ALA A 109 -9.70 -37.25 -0.41
C ALA A 109 -9.03 -36.94 -1.73
N LEU A 110 -8.20 -35.90 -1.74
CA LEU A 110 -7.43 -35.55 -2.93
C LEU A 110 -6.49 -36.66 -3.34
N ALA A 111 -5.87 -37.33 -2.35
CA ALA A 111 -4.92 -38.41 -2.60
C ALA A 111 -5.60 -39.60 -3.26
N LYS A 112 -6.88 -39.85 -2.95
CA LYS A 112 -7.65 -40.91 -3.57
C LYS A 112 -7.95 -40.56 -5.03
N ARG A 113 -8.16 -39.28 -5.31
CA ARG A 113 -8.37 -38.82 -6.67
C ARG A 113 -7.09 -38.96 -7.49
N GLN A 114 -5.92 -38.71 -6.87
CA GLN A 114 -4.66 -38.71 -7.61
C GLN A 114 -3.54 -39.23 -6.70
N PRO A 115 -3.35 -40.57 -6.61
CA PRO A 115 -2.29 -41.11 -5.75
C PRO A 115 -0.91 -40.59 -6.13
N GLY A 116 -0.04 -40.45 -5.12
CA GLY A 116 1.33 -39.97 -5.31
C GLY A 116 1.49 -38.46 -5.16
N THR A 117 0.40 -37.74 -4.89
CA THR A 117 0.41 -36.29 -4.77
C THR A 117 0.88 -35.83 -3.37
N PHE A 118 0.78 -36.69 -2.35
CA PHE A 118 1.05 -36.29 -0.98
C PHE A 118 2.08 -37.21 -0.32
N PRO A 119 3.32 -37.34 -0.86
CA PRO A 119 4.36 -38.08 -0.14
C PRO A 119 4.83 -37.24 1.04
N ALA A 120 5.33 -37.92 2.08
CA ALA A 120 5.86 -37.26 3.25
C ALA A 120 6.94 -36.27 2.81
N ARG A 121 7.69 -36.60 1.75
CA ARG A 121 8.70 -35.70 1.24
C ARG A 121 8.13 -34.28 1.08
N ASP A 122 6.91 -34.19 0.55
CA ASP A 122 6.34 -32.90 0.19
C ASP A 122 5.70 -32.21 1.40
N VAL A 123 5.23 -33.02 2.35
CA VAL A 123 4.77 -32.45 3.61
C VAL A 123 5.97 -31.85 4.36
N ILE A 124 7.10 -32.56 4.41
CA ILE A 124 8.31 -32.02 5.03
C ILE A 124 8.73 -30.76 4.29
N TYR A 125 8.76 -30.80 2.95
CA TYR A 125 9.21 -29.63 2.21
C TYR A 125 8.34 -28.41 2.47
N THR A 126 7.02 -28.59 2.36
CA THR A 126 6.10 -27.48 2.42
C THR A 126 6.14 -26.88 3.82
N SER A 127 6.10 -27.74 4.85
CA SER A 127 6.14 -27.21 6.19
C SER A 127 7.49 -26.54 6.43
N SER A 128 8.58 -27.13 5.91
CA SER A 128 9.91 -26.57 6.16
C SER A 128 10.03 -25.22 5.47
N TRP A 129 9.47 -25.13 4.24
CA TRP A 129 9.44 -23.90 3.48
C TRP A 129 8.81 -22.81 4.33
N ILE A 130 7.68 -23.12 4.99
CA ILE A 130 6.93 -22.13 5.71
C ILE A 130 7.72 -21.70 6.95
N GLY A 131 8.35 -22.68 7.60
CA GLY A 131 9.12 -22.46 8.80
C GLY A 131 10.36 -21.61 8.55
N VAL A 132 10.88 -21.59 7.32
CA VAL A 132 12.05 -20.78 7.01
C VAL A 132 11.69 -19.58 6.14
N ALA A 133 10.40 -19.36 5.88
CA ALA A 133 9.99 -18.46 4.80
C ALA A 133 10.38 -17.03 5.10
N PHE A 134 9.98 -16.56 6.29
CA PHE A 134 10.24 -15.19 6.68
C PHE A 134 11.76 -15.01 6.82
N HIS A 135 12.46 -16.01 7.33
CA HIS A 135 13.91 -16.00 7.42
C HIS A 135 14.52 -15.72 6.05
N ARG A 136 14.13 -16.48 5.03
CA ARG A 136 14.72 -16.36 3.72
C ARG A 136 14.31 -15.06 3.04
N LEU A 137 13.05 -14.65 3.21
CA LEU A 137 12.57 -13.38 2.69
C LEU A 137 13.38 -12.22 3.23
N ARG A 138 13.65 -12.23 4.54
CA ARG A 138 14.47 -11.21 5.18
C ARG A 138 15.89 -11.18 4.59
N LEU A 139 16.49 -12.33 4.36
CA LEU A 139 17.86 -12.39 3.83
C LEU A 139 17.86 -11.86 2.40
N ALA A 140 16.82 -12.16 1.64
CA ALA A 140 16.71 -11.64 0.28
C ALA A 140 16.59 -10.13 0.28
N ALA A 141 15.97 -9.54 1.32
CA ALA A 141 15.81 -8.10 1.41
C ALA A 141 16.99 -7.42 2.08
N GLY A 142 18.04 -8.18 2.44
CA GLY A 142 19.24 -7.61 3.07
C GLY A 142 19.05 -7.36 4.56
N LEU A 143 18.03 -7.96 5.16
CA LEU A 143 17.80 -7.84 6.59
C LEU A 143 18.43 -9.02 7.32
N PRO A 144 18.63 -8.91 8.65
CA PRO A 144 19.15 -10.03 9.42
C PRO A 144 18.16 -11.19 9.45
N GLY A 145 18.74 -12.39 9.56
CA GLY A 145 17.98 -13.62 9.72
C GLY A 145 17.30 -13.66 11.09
N LEU A 146 16.42 -14.64 11.27
CA LEU A 146 15.87 -14.91 12.59
C LEU A 146 17.00 -15.12 13.60
N SER A 147 16.74 -14.68 14.84
CA SER A 147 17.62 -14.88 15.97
C SER A 147 17.73 -16.35 16.37
N ASP A 148 18.69 -16.65 17.23
CA ASP A 148 18.91 -18.03 17.67
C ASP A 148 17.62 -18.63 18.19
N LYS A 149 16.94 -17.93 19.09
CA LYS A 149 15.73 -18.43 19.73
C LYS A 149 14.60 -18.56 18.73
N GLN A 150 14.51 -17.63 17.77
CA GLN A 150 13.48 -17.73 16.76
C GLN A 150 13.69 -18.95 15.90
N ARG A 151 14.94 -19.25 15.55
CA ARG A 151 15.21 -20.37 14.68
C ARG A 151 14.91 -21.69 15.41
N ILE A 152 15.30 -21.79 16.68
CA ILE A 152 15.10 -23.03 17.42
C ILE A 152 13.59 -23.24 17.59
N ALA A 153 12.86 -22.18 17.91
CA ALA A 153 11.43 -22.27 18.13
C ALA A 153 10.72 -22.70 16.85
N ALA A 154 11.18 -22.15 15.71
CA ALA A 154 10.52 -22.40 14.44
C ALA A 154 10.66 -23.87 14.11
N HIS A 155 11.87 -24.41 14.35
CA HIS A 155 12.10 -25.84 14.25
C HIS A 155 11.13 -26.66 15.10
N HIS A 156 11.02 -26.36 16.40
CA HIS A 156 10.19 -27.17 17.29
C HIS A 156 8.72 -27.07 16.89
N PHE A 157 8.32 -25.88 16.47
CA PHE A 157 6.95 -25.62 16.05
C PHE A 157 6.57 -26.53 14.89
N TRP A 158 7.44 -26.56 13.87
CA TRP A 158 7.17 -27.29 12.64
C TRP A 158 7.43 -28.78 12.80
N ALA A 159 8.40 -29.16 13.64
CA ALA A 159 8.56 -30.57 13.97
C ALA A 159 7.28 -31.07 14.65
N GLY A 160 6.72 -30.25 15.51
CA GLY A 160 5.48 -30.57 16.19
C GLY A 160 4.32 -30.75 15.22
N PHE A 161 4.16 -29.81 14.28
CA PHE A 161 3.07 -29.88 13.32
C PHE A 161 3.29 -31.08 12.40
N GLY A 162 4.55 -31.30 12.02
CA GLY A 162 4.91 -32.48 11.24
C GLY A 162 4.33 -33.76 11.83
N SER A 163 4.45 -33.93 13.16
CA SER A 163 4.09 -35.15 13.85
C SER A 163 2.59 -35.45 13.75
N ILE A 164 1.75 -34.45 13.44
CA ILE A 164 0.30 -34.64 13.36
C ILE A 164 -0.16 -34.33 11.93
N PHE A 165 0.78 -34.25 10.99
CA PHE A 165 0.45 -33.93 9.60
C PHE A 165 0.40 -35.22 8.80
N TRP A 166 -0.75 -35.48 8.17
CA TRP A 166 -0.96 -36.69 7.38
C TRP A 166 -0.20 -36.62 6.07
N SER A 167 0.31 -37.79 5.62
CA SER A 167 0.83 -37.97 4.27
C SER A 167 0.48 -39.38 3.80
N GLU A 168 0.65 -39.65 2.49
CA GLU A 168 0.44 -40.99 1.93
C GLU A 168 1.41 -42.00 2.53
N ASP A 169 2.51 -41.53 3.12
CA ASP A 169 3.46 -42.42 3.77
C ASP A 169 3.17 -42.53 5.27
N GLY A 170 2.06 -41.92 5.71
CA GLY A 170 1.67 -41.86 7.11
C GLY A 170 2.02 -40.51 7.73
N TYR A 171 1.68 -40.34 9.01
CA TYR A 171 1.98 -39.13 9.75
C TYR A 171 3.49 -38.92 9.76
N VAL A 172 3.91 -37.66 9.65
CA VAL A 172 5.32 -37.35 9.42
C VAL A 172 6.08 -37.45 10.74
N THR A 173 6.72 -38.59 10.96
CA THR A 173 7.41 -38.88 12.21
C THR A 173 8.85 -38.38 12.18
N ASN A 174 9.52 -38.46 11.01
CA ASN A 174 10.97 -38.26 10.96
C ASN A 174 11.32 -36.93 10.32
N TYR A 175 11.30 -35.86 11.12
CA TYR A 175 11.41 -34.50 10.62
C TYR A 175 12.86 -34.04 10.66
N PRO A 176 13.29 -33.11 9.77
CA PRO A 176 14.58 -32.43 9.93
C PRO A 176 14.81 -32.01 11.37
N ASP A 177 16.09 -32.10 11.76
N ASP A 177 16.06 -32.14 11.84
CA ASP A 177 16.57 -32.20 13.13
CA ASP A 177 16.37 -32.20 13.27
C ASP A 177 16.75 -30.84 13.80
C ASP A 177 16.74 -30.83 13.83
N SER A 178 16.73 -29.80 12.99
CA SER A 178 17.11 -28.46 13.40
C SER A 178 16.62 -27.49 12.35
N PHE A 179 16.67 -26.19 12.66
CA PHE A 179 16.34 -25.16 11.69
C PHE A 179 17.27 -25.26 10.48
N GLU A 180 18.57 -25.39 10.76
N GLU A 180 18.58 -25.39 10.74
CA GLU A 180 19.59 -25.54 9.73
CA GLU A 180 19.57 -25.54 9.69
C GLU A 180 19.27 -26.75 8.84
C GLU A 180 19.26 -26.76 8.82
N ALA A 181 18.81 -27.86 9.44
CA ALA A 181 18.41 -29.03 8.65
C ALA A 181 17.17 -28.75 7.80
N MET A 182 16.28 -27.87 8.27
CA MET A 182 15.11 -27.49 7.48
C MET A 182 15.56 -26.70 6.25
N LEU A 183 16.48 -25.75 6.45
CA LEU A 183 17.02 -24.95 5.35
C LEU A 183 17.66 -25.84 4.28
N LYS A 184 18.46 -26.82 4.71
CA LYS A 184 19.16 -27.70 3.78
C LYS A 184 18.18 -28.62 3.05
N PHE A 185 17.13 -29.06 3.74
CA PHE A 185 16.11 -29.85 3.07
C PHE A 185 15.46 -29.02 1.97
N VAL A 186 15.08 -27.79 2.29
CA VAL A 186 14.41 -26.92 1.34
C VAL A 186 15.34 -26.64 0.16
N GLU A 187 16.63 -26.39 0.43
CA GLU A 187 17.58 -26.02 -0.61
C GLU A 187 17.88 -27.24 -1.50
N ASP A 188 18.00 -28.42 -0.88
CA ASP A 188 18.22 -29.65 -1.63
C ASP A 188 17.01 -29.91 -2.53
N TYR A 189 15.79 -29.79 -1.99
CA TYR A 189 14.59 -30.07 -2.77
C TYR A 189 14.49 -29.13 -3.97
N GLU A 190 14.84 -27.85 -3.75
CA GLU A 190 14.79 -26.85 -4.80
C GLU A 190 15.86 -27.08 -5.86
N ALA A 191 16.90 -27.86 -5.54
CA ALA A 191 17.95 -28.15 -6.51
C ALA A 191 17.63 -29.42 -7.31
N GLU A 192 16.53 -30.14 -6.96
CA GLU A 192 16.19 -31.37 -7.67
C GLU A 192 15.76 -31.04 -9.10
N ASP A 193 15.81 -32.07 -9.94
CA ASP A 193 15.52 -31.94 -11.36
C ASP A 193 14.03 -32.22 -11.59
N TRP A 194 13.19 -31.30 -11.12
CA TRP A 194 11.75 -31.42 -11.33
C TRP A 194 11.42 -31.28 -12.82
N GLU A 195 10.49 -32.10 -13.30
CA GLU A 195 10.01 -31.99 -14.67
C GLU A 195 9.22 -30.69 -14.82
N LYS A 196 9.56 -29.90 -15.84
CA LYS A 196 8.89 -28.63 -16.10
C LYS A 196 7.65 -28.89 -16.94
N VAL A 197 6.51 -28.37 -16.49
CA VAL A 197 5.22 -28.74 -17.05
C VAL A 197 4.34 -27.49 -17.15
N GLU A 198 3.46 -27.47 -18.17
CA GLU A 198 2.60 -26.34 -18.45
C GLU A 198 1.67 -26.07 -17.25
N SER A 199 1.26 -27.11 -16.55
CA SER A 199 0.42 -26.94 -15.36
C SER A 199 1.09 -26.02 -14.33
N GLY A 200 2.43 -26.10 -14.23
CA GLY A 200 3.18 -25.27 -13.29
C GLY A 200 3.16 -23.79 -13.65
N ARG A 201 3.36 -23.49 -14.94
CA ARG A 201 3.27 -22.14 -15.45
C ARG A 201 1.89 -21.57 -15.17
N ILE A 202 0.86 -22.35 -15.51
CA ILE A 202 -0.51 -21.86 -15.41
C ILE A 202 -0.82 -21.55 -13.95
N LEU A 203 -0.46 -22.46 -13.04
CA LEU A 203 -0.75 -22.26 -11.63
C LEU A 203 0.06 -21.08 -11.06
N GLY A 204 1.35 -21.03 -11.37
CA GLY A 204 2.20 -19.95 -10.87
C GLY A 204 1.65 -18.58 -11.24
N GLN A 205 1.17 -18.45 -12.49
CA GLN A 205 0.58 -17.23 -13.01
C GLN A 205 -0.71 -16.86 -12.24
N ALA A 206 -1.60 -17.84 -12.04
CA ALA A 206 -2.84 -17.60 -11.30
C ALA A 206 -2.54 -17.20 -9.86
N ILE A 207 -1.50 -17.79 -9.27
CA ILE A 207 -1.13 -17.48 -7.89
C ILE A 207 -0.62 -16.04 -7.82
N ASN A 208 0.30 -15.70 -8.73
CA ASN A 208 0.85 -14.37 -8.78
C ASN A 208 -0.26 -13.34 -8.95
N GLU A 209 -1.20 -13.61 -9.87
CA GLU A 209 -2.24 -12.66 -10.21
C GLU A 209 -3.17 -12.42 -9.03
N GLN A 210 -3.40 -13.41 -8.17
CA GLN A 210 -4.19 -13.20 -6.98
C GLN A 210 -3.57 -12.12 -6.09
N PHE A 211 -2.25 -12.20 -5.89
CA PHE A 211 -1.55 -11.21 -5.09
C PHE A 211 -1.66 -9.82 -5.72
N TYR A 212 -1.42 -9.75 -7.05
CA TYR A 212 -1.50 -8.47 -7.74
C TYR A 212 -2.92 -7.90 -7.60
N ASP A 213 -3.94 -8.73 -7.83
CA ASP A 213 -5.31 -8.25 -7.82
C ASP A 213 -5.67 -7.75 -6.42
N ALA A 214 -5.13 -8.39 -5.37
CA ALA A 214 -5.48 -8.00 -4.00
C ALA A 214 -4.74 -6.73 -3.56
N TYR A 215 -3.42 -6.62 -3.84
CA TYR A 215 -2.62 -5.55 -3.27
C TYR A 215 -2.00 -4.61 -4.29
N PHE A 216 -1.95 -4.98 -5.58
CA PHE A 216 -1.35 -4.10 -6.57
C PHE A 216 -2.28 -4.01 -7.78
N PRO A 217 -3.55 -3.53 -7.61
CA PRO A 217 -4.51 -3.46 -8.72
C PRO A 217 -4.19 -2.35 -9.71
N GLY A 218 -4.72 -2.47 -10.92
CA GLY A 218 -4.56 -1.50 -11.98
C GLY A 218 -3.07 -1.26 -12.25
N GLN A 219 -2.68 0.00 -12.25
CA GLN A 219 -1.38 0.41 -12.75
C GLN A 219 -0.27 -0.05 -11.82
N LEU A 220 -0.63 -0.41 -10.56
CA LEU A 220 0.31 -0.91 -9.56
C LEU A 220 0.81 -2.32 -9.88
N ARG A 221 0.13 -3.06 -10.76
CA ARG A 221 0.51 -4.44 -11.06
C ARG A 221 2.03 -4.56 -11.26
N ALA A 222 2.59 -3.70 -12.12
CA ALA A 222 3.99 -3.84 -12.51
C ALA A 222 4.89 -3.83 -11.27
N LEU A 223 4.58 -2.95 -10.32
CA LEU A 223 5.32 -2.87 -9.06
C LEU A 223 5.21 -4.17 -8.27
N GLY A 224 3.99 -4.66 -8.12
CA GLY A 224 3.76 -5.92 -7.42
C GLY A 224 4.52 -7.08 -8.07
N GLU A 225 4.52 -7.14 -9.41
CA GLU A 225 5.25 -8.16 -10.13
C GLU A 225 6.74 -8.10 -9.80
N GLN A 226 7.31 -6.88 -9.73
CA GLN A 226 8.74 -6.79 -9.44
C GLN A 226 9.00 -7.35 -8.04
N LEU A 227 8.05 -7.11 -7.12
CA LEU A 227 8.23 -7.52 -5.73
C LEU A 227 8.30 -9.05 -5.68
N VAL A 228 7.31 -9.71 -6.26
CA VAL A 228 7.23 -11.17 -6.28
C VAL A 228 8.45 -11.77 -6.98
N LEU A 229 8.80 -11.27 -8.17
CA LEU A 229 9.88 -11.82 -8.98
C LEU A 229 11.23 -11.55 -8.33
N SER A 230 11.32 -10.51 -7.50
CA SER A 230 12.52 -10.23 -6.75
C SER A 230 12.70 -11.20 -5.59
N LEU A 231 11.61 -11.79 -5.06
CA LEU A 231 11.69 -12.62 -3.86
C LEU A 231 11.59 -14.12 -4.20
N GLN A 232 10.95 -14.45 -5.32
CA GLN A 232 10.80 -15.85 -5.69
C GLN A 232 12.18 -16.36 -6.08
N THR A 233 12.49 -17.62 -5.75
CA THR A 233 13.83 -18.14 -6.00
C THR A 233 14.05 -18.26 -7.52
N PRO A 234 15.28 -18.01 -8.03
CA PRO A 234 15.58 -18.20 -9.44
C PRO A 234 15.12 -19.56 -9.98
N GLY A 235 15.32 -20.64 -9.21
CA GLY A 235 14.98 -21.98 -9.65
C GLY A 235 13.48 -22.14 -9.90
N ILE A 236 12.65 -21.58 -9.02
CA ILE A 236 11.20 -21.70 -9.13
C ILE A 236 10.66 -20.79 -10.24
N ARG A 237 11.26 -19.60 -10.41
CA ARG A 237 10.85 -18.72 -11.51
C ARG A 237 11.05 -19.43 -12.84
N ARG A 238 12.23 -20.01 -13.06
CA ARG A 238 12.55 -20.70 -14.31
C ARG A 238 11.62 -21.89 -14.50
N LEU A 239 11.45 -22.69 -13.47
CA LEU A 239 10.62 -23.88 -13.58
C LEU A 239 9.18 -23.52 -13.94
N MET A 240 8.67 -22.39 -13.46
CA MET A 240 7.27 -22.04 -13.71
C MET A 240 7.14 -20.92 -14.77
N ASP A 241 8.24 -20.55 -15.44
CA ASP A 241 8.21 -19.57 -16.51
C ASP A 241 7.65 -18.24 -16.01
N MET A 242 8.06 -17.82 -14.80
CA MET A 242 7.57 -16.57 -14.26
C MET A 242 8.31 -15.36 -14.84
N GLY A 243 9.50 -15.59 -15.42
CA GLY A 243 10.36 -14.51 -15.88
C GLY A 243 11.26 -14.02 -14.74
N ASP A 244 12.00 -12.95 -15.02
CA ASP A 244 12.98 -12.43 -14.11
C ASP A 244 12.70 -10.95 -13.84
N PRO A 245 13.06 -10.48 -12.64
CA PRO A 245 12.85 -9.09 -12.28
C PRO A 245 13.76 -8.21 -13.12
N ASP A 246 13.37 -6.95 -13.26
CA ASP A 246 14.26 -5.93 -13.79
C ASP A 246 15.33 -5.68 -12.74
N PRO A 247 16.64 -5.85 -13.05
CA PRO A 247 17.69 -5.67 -12.04
C PRO A 247 17.66 -4.38 -11.23
N GLN A 248 17.34 -3.25 -11.88
CA GLN A 248 17.21 -1.99 -11.16
C GLN A 248 16.01 -2.00 -10.21
N ALA A 249 14.85 -2.43 -10.74
CA ALA A 249 13.66 -2.45 -9.91
C ALA A 249 13.88 -3.33 -8.68
N GLN A 250 14.55 -4.48 -8.86
CA GLN A 250 14.74 -5.45 -7.81
C GLN A 250 15.47 -4.84 -6.64
N LYS A 251 16.56 -4.12 -6.93
CA LYS A 251 17.31 -3.49 -5.86
C LYS A 251 16.42 -2.48 -5.13
N ILE A 252 15.60 -1.74 -5.87
CA ILE A 252 14.77 -0.74 -5.23
C ILE A 252 13.67 -1.42 -4.40
N VAL A 253 12.99 -2.45 -4.93
CA VAL A 253 11.85 -2.98 -4.20
C VAL A 253 12.34 -3.72 -2.95
N LEU A 254 13.51 -4.36 -3.04
CA LEU A 254 14.07 -5.06 -1.90
C LEU A 254 14.47 -4.07 -0.81
N MET A 255 14.96 -2.89 -1.21
CA MET A 255 15.33 -1.88 -0.23
C MET A 255 14.07 -1.31 0.41
N MET A 256 13.01 -1.14 -0.38
CA MET A 256 11.78 -0.61 0.18
C MET A 256 11.21 -1.58 1.20
N LEU A 257 11.30 -2.89 0.93
CA LEU A 257 10.79 -3.92 1.84
C LEU A 257 11.65 -3.95 3.10
N ASN A 258 12.97 -3.93 2.93
CA ASN A 258 13.93 -3.76 4.01
C ASN A 258 13.52 -2.59 4.90
N GLN A 259 13.32 -1.40 4.30
CA GLN A 259 13.02 -0.20 5.09
C GLN A 259 11.67 -0.28 5.82
N TYR A 260 10.65 -0.85 5.17
CA TYR A 260 9.35 -1.00 5.80
C TYR A 260 9.47 -1.89 7.03
N LEU A 261 10.17 -3.03 6.90
CA LEU A 261 10.32 -3.94 8.03
C LEU A 261 11.16 -3.28 9.11
N THR A 262 12.20 -2.53 8.72
CA THR A 262 13.00 -1.81 9.72
C THR A 262 12.12 -0.84 10.49
N LEU A 263 11.26 -0.12 9.78
CA LEU A 263 10.45 0.92 10.38
C LEU A 263 9.52 0.31 11.43
N ILE A 264 8.88 -0.81 11.09
CA ILE A 264 7.90 -1.31 12.03
C ILE A 264 8.58 -2.10 13.15
N GLU A 265 9.78 -2.63 12.91
CA GLU A 265 10.43 -3.50 13.89
C GLU A 265 11.27 -2.68 14.84
N ASP A 266 12.04 -1.71 14.31
CA ASP A 266 13.04 -1.03 15.11
C ASP A 266 12.55 0.35 15.56
N VAL A 267 11.65 1.00 14.79
CA VAL A 267 11.45 2.42 14.99
C VAL A 267 10.07 2.69 15.57
N LEU A 268 9.01 2.30 14.86
CA LEU A 268 7.66 2.55 15.34
C LEU A 268 7.30 1.62 16.50
N PRO A 269 6.39 2.06 17.40
CA PRO A 269 5.97 1.23 18.54
C PRO A 269 5.53 -0.16 18.10
N ASP A 270 5.88 -1.16 18.91
CA ASP A 270 5.44 -2.52 18.70
C ASP A 270 3.93 -2.55 18.83
N PRO A 271 3.22 -3.43 18.10
CA PRO A 271 1.81 -3.65 18.36
C PRO A 271 1.59 -4.26 19.73
N GLU A 272 0.43 -3.94 20.32
CA GLU A 272 0.05 -4.47 21.61
C GLU A 272 -0.60 -5.82 21.43
N LEU A 273 -1.28 -6.03 20.29
CA LEU A 273 -1.98 -7.27 20.02
C LEU A 273 -1.46 -7.90 18.72
N SER A 274 -1.60 -9.23 18.62
CA SER A 274 -1.34 -9.94 17.36
C SER A 274 -2.35 -9.51 16.30
N ARG A 275 -2.07 -9.81 15.02
CA ARG A 275 -2.96 -9.39 13.94
C ARG A 275 -4.32 -10.12 14.07
N PRO A 276 -4.35 -11.45 14.30
CA PRO A 276 -5.61 -12.17 14.51
C PRO A 276 -6.45 -11.50 15.60
N GLU A 277 -5.82 -11.15 16.72
CA GLU A 277 -6.53 -10.47 17.79
C GLU A 277 -7.11 -9.15 17.27
N ARG A 278 -6.27 -8.32 16.68
CA ARG A 278 -6.77 -7.09 16.10
C ARG A 278 -7.92 -7.38 15.14
N ALA A 279 -7.77 -8.39 14.28
CA ALA A 279 -8.78 -8.72 13.29
C ALA A 279 -10.11 -9.09 13.94
N ARG A 280 -10.09 -9.82 15.04
CA ARG A 280 -11.32 -10.22 15.71
C ARG A 280 -12.01 -9.03 16.43
N LEU A 281 -11.34 -7.89 16.53
CA LEU A 281 -12.00 -6.69 17.06
C LEU A 281 -12.75 -5.94 15.95
N GLU A 282 -12.52 -6.25 14.66
CA GLU A 282 -13.13 -5.46 13.60
C GLU A 282 -14.62 -5.81 13.49
N GLY A 283 -15.41 -4.81 13.07
CA GLY A 283 -16.86 -4.96 12.92
C GLY A 283 -17.20 -6.11 11.96
N ILE A 284 -16.50 -6.14 10.83
CA ILE A 284 -16.57 -7.23 9.87
C ILE A 284 -15.26 -8.01 9.97
N ARG A 285 -15.39 -9.33 10.07
CA ARG A 285 -14.22 -10.18 10.21
C ARG A 285 -13.45 -10.15 8.90
N PRO A 286 -12.17 -9.75 8.91
CA PRO A 286 -11.37 -9.89 7.72
C PRO A 286 -11.31 -11.36 7.28
N PRO A 287 -11.38 -11.58 5.96
CA PRO A 287 -11.46 -12.91 5.37
C PRO A 287 -10.34 -13.88 5.76
N GLN A 288 -9.12 -13.39 5.96
CA GLN A 288 -8.02 -14.25 6.37
C GLN A 288 -8.17 -14.70 7.83
N HIS A 289 -9.09 -14.09 8.59
CA HIS A 289 -9.17 -14.29 10.03
C HIS A 289 -10.53 -14.85 10.45
N ILE A 290 -11.35 -15.22 9.46
CA ILE A 290 -12.51 -16.07 9.72
C ILE A 290 -12.03 -17.39 10.33
N ASP A 291 -12.86 -17.96 11.22
CA ASP A 291 -12.53 -19.19 11.91
C ASP A 291 -12.46 -20.31 10.88
N PRO A 292 -11.32 -21.05 10.79
CA PRO A 292 -11.21 -22.13 9.79
C PRO A 292 -12.24 -23.23 10.06
N PRO A 293 -12.65 -24.00 9.04
CA PRO A 293 -13.46 -25.20 9.27
C PRO A 293 -12.60 -26.19 10.06
N ILE A 294 -13.29 -27.01 10.86
CA ILE A 294 -12.58 -27.95 11.71
C ILE A 294 -13.19 -29.34 11.57
N ALA A 295 -12.47 -30.32 12.07
CA ALA A 295 -12.90 -31.70 12.07
C ALA A 295 -12.51 -32.35 13.40
N LYS A 296 -12.96 -33.58 13.58
CA LYS A 296 -12.60 -34.39 14.71
C LYS A 296 -11.11 -34.64 14.72
N ILE A 297 -10.48 -34.42 15.88
CA ILE A 297 -9.06 -34.67 16.08
C ILE A 297 -8.88 -36.18 16.21
N LEU A 298 -8.19 -36.78 15.23
CA LEU A 298 -8.01 -38.21 15.13
C LEU A 298 -6.64 -38.62 15.69
N CYS A 299 -5.61 -37.83 15.38
CA CYS A 299 -4.24 -38.10 15.79
C CYS A 299 -3.79 -36.93 16.68
N PRO A 300 -3.91 -37.04 18.02
CA PRO A 300 -3.63 -35.92 18.91
C PRO A 300 -2.14 -35.69 19.11
N PHE A 301 -1.77 -34.43 19.35
CA PHE A 301 -0.36 -34.07 19.52
C PHE A 301 0.19 -34.73 20.77
N LYS A 302 1.43 -35.25 20.70
CA LYS A 302 2.07 -36.01 21.78
C LYS A 302 3.19 -35.17 22.42
N ALA B 2 -0.36 -6.08 -25.46
CA ALA B 2 -0.36 -5.08 -26.57
C ALA B 2 0.00 -3.70 -26.02
N ARG B 3 1.31 -3.43 -25.86
CA ARG B 3 1.76 -2.08 -25.55
C ARG B 3 1.62 -1.21 -26.79
N THR B 4 0.89 -0.10 -26.61
CA THR B 4 0.60 0.88 -27.65
C THR B 4 1.69 1.94 -27.71
N LYS B 5 2.34 2.25 -26.57
CA LYS B 5 3.31 3.34 -26.50
C LYS B 5 4.69 2.81 -26.12
N PRO B 6 5.79 3.54 -26.40
CA PRO B 6 7.10 3.16 -25.88
C PRO B 6 7.13 3.16 -24.35
N ASP B 7 8.08 2.42 -23.80
CA ASP B 7 8.17 2.25 -22.35
C ASP B 7 8.33 3.62 -21.69
N LYS B 8 9.10 4.51 -22.32
CA LYS B 8 9.28 5.86 -21.81
C LYS B 8 8.86 6.86 -22.88
N TRP B 9 7.76 7.59 -22.62
CA TRP B 9 7.26 8.59 -23.57
C TRP B 9 6.83 9.88 -22.89
N ILE B 10 6.59 9.87 -21.59
CA ILE B 10 6.00 11.05 -20.95
C ILE B 10 7.03 12.19 -20.93
N ARG B 11 8.26 11.90 -20.48
CA ARG B 11 9.30 12.92 -20.43
C ARG B 11 9.47 13.58 -21.80
N ASP B 12 9.59 12.73 -22.83
CA ASP B 12 9.84 13.14 -24.20
C ASP B 12 8.68 13.96 -24.73
N GLU B 13 7.44 13.58 -24.41
CA GLU B 13 6.31 14.36 -24.88
C GLU B 13 6.37 15.77 -24.29
N ILE B 14 6.66 15.90 -22.99
CA ILE B 14 6.77 17.24 -22.42
C ILE B 14 7.85 18.03 -23.19
N GLU B 15 8.96 17.35 -23.53
CA GLU B 15 10.10 18.01 -24.15
C GLU B 15 9.70 18.57 -25.52
N ARG B 16 8.74 17.92 -26.19
CA ARG B 16 8.32 18.36 -27.50
C ARG B 16 7.31 19.50 -27.40
N LEU B 17 6.76 19.78 -26.21
CA LEU B 17 5.66 20.73 -26.16
C LEU B 17 6.20 22.13 -25.89
N ASP B 18 5.37 23.13 -26.18
CA ASP B 18 5.63 24.52 -25.87
C ASP B 18 4.92 24.87 -24.57
N PRO B 19 5.66 25.23 -23.50
CA PRO B 19 5.04 25.46 -22.20
C PRO B 19 4.15 26.69 -22.12
N HIS B 20 4.27 27.60 -23.09
CA HIS B 20 3.44 28.79 -23.13
C HIS B 20 2.12 28.53 -23.87
N VAL B 21 2.03 27.46 -24.68
CA VAL B 21 0.85 27.15 -25.45
C VAL B 21 0.18 25.88 -24.94
N ASP B 22 1.02 24.88 -24.62
CA ASP B 22 0.57 23.53 -24.31
C ASP B 22 0.64 23.28 -22.81
N TYR B 23 0.46 24.34 -22.00
CA TYR B 23 0.63 24.25 -20.56
C TYR B 23 -0.39 23.30 -19.93
N ALA B 24 -1.60 23.22 -20.48
CA ALA B 24 -2.61 22.32 -19.92
C ALA B 24 -2.15 20.87 -20.07
N ARG B 25 -1.63 20.53 -21.26
CA ARG B 25 -1.16 19.18 -21.52
C ARG B 25 0.04 18.87 -20.62
N ILE B 26 0.95 19.81 -20.46
CA ILE B 26 2.12 19.57 -19.63
C ILE B 26 1.71 19.34 -18.18
N TRP B 27 0.77 20.14 -17.66
CA TRP B 27 0.33 19.93 -16.29
C TRP B 27 -0.33 18.56 -16.16
N GLN B 28 -1.10 18.19 -17.18
CA GLN B 28 -1.75 16.88 -17.18
C GLN B 28 -0.73 15.74 -17.10
N LEU B 29 0.34 15.87 -17.90
CA LEU B 29 1.39 14.86 -17.91
C LEU B 29 2.18 14.86 -16.61
N THR B 30 2.17 15.98 -15.91
CA THR B 30 2.90 16.14 -14.67
C THR B 30 2.10 15.59 -13.49
N MET B 31 0.76 15.71 -13.56
CA MET B 31 -0.07 15.52 -12.36
C MET B 31 -1.11 14.43 -12.48
N THR B 32 -1.24 13.69 -13.60
CA THR B 32 -2.34 12.73 -13.71
C THR B 32 -1.93 11.40 -14.31
N TYR B 33 -0.64 11.17 -14.56
CA TYR B 33 -0.24 9.89 -15.10
C TYR B 33 0.47 9.05 -14.04
N TYR B 34 1.57 9.57 -13.50
CA TYR B 34 2.31 8.89 -12.46
C TYR B 34 1.53 8.95 -11.14
N VAL B 35 0.75 10.03 -10.94
CA VAL B 35 -0.05 10.22 -9.75
C VAL B 35 -1.26 9.29 -9.77
N ASP B 36 -1.52 8.61 -8.65
CA ASP B 36 -2.72 7.76 -8.48
C ASP B 36 -3.59 8.33 -7.36
N ASP B 37 -4.63 7.55 -6.96
CA ASP B 37 -5.64 8.05 -6.05
C ASP B 37 -5.01 8.26 -4.67
N PHE B 38 -4.06 7.38 -4.31
CA PHE B 38 -3.30 7.44 -3.08
C PHE B 38 -2.51 8.74 -2.98
N LEU B 39 -1.71 9.05 -4.00
CA LEU B 39 -0.90 10.26 -3.97
C LEU B 39 -1.78 11.50 -4.07
N MET B 40 -2.88 11.41 -4.84
CA MET B 40 -3.78 12.55 -4.94
C MET B 40 -4.43 12.80 -3.58
N ASN B 41 -4.83 11.73 -2.87
CA ASN B 41 -5.36 11.86 -1.53
C ASN B 41 -4.29 12.45 -0.61
N LEU B 42 -3.03 12.02 -0.76
CA LEU B 42 -1.97 12.58 0.08
C LEU B 42 -1.87 14.10 -0.10
N ILE B 43 -1.95 14.58 -1.35
CA ILE B 43 -1.90 16.00 -1.64
C ILE B 43 -3.09 16.74 -1.02
N TYR B 44 -4.31 16.21 -1.16
CA TYR B 44 -5.46 16.79 -0.50
C TYR B 44 -5.25 16.89 1.02
N THR B 45 -4.73 15.81 1.62
CA THR B 45 -4.54 15.74 3.07
C THR B 45 -3.55 16.80 3.53
N LEU B 46 -2.48 16.99 2.77
CA LEU B 46 -1.50 17.99 3.11
C LEU B 46 -2.08 19.38 2.86
N GLY B 47 -3.00 19.50 1.90
CA GLY B 47 -3.47 20.79 1.44
C GLY B 47 -4.51 21.42 2.38
N ILE B 48 -5.57 20.67 2.74
CA ILE B 48 -6.66 21.33 3.46
C ILE B 48 -6.14 22.09 4.67
N PRO B 49 -5.26 21.54 5.54
CA PRO B 49 -4.83 22.28 6.73
C PRO B 49 -3.97 23.49 6.37
N ALA B 50 -3.30 23.45 5.20
CA ALA B 50 -2.62 24.63 4.66
C ALA B 50 -3.63 25.72 4.29
N PHE B 51 -4.67 25.31 3.54
CA PHE B 51 -5.67 26.24 3.04
C PHE B 51 -6.42 26.92 4.20
N THR B 52 -6.48 26.26 5.35
CA THR B 52 -7.28 26.74 6.48
C THR B 52 -6.40 27.30 7.60
N GLN B 53 -5.20 27.80 7.26
CA GLN B 53 -4.41 28.54 8.22
C GLN B 53 -5.19 29.76 8.76
N PRO B 54 -5.97 30.50 7.93
CA PRO B 54 -6.87 31.55 8.43
C PRO B 54 -7.91 30.92 9.34
N PRO B 55 -8.08 31.42 10.59
CA PRO B 55 -9.13 30.90 11.47
C PRO B 55 -10.52 30.75 10.85
N LEU B 56 -10.94 31.71 10.01
CA LEU B 56 -12.29 31.66 9.46
C LEU B 56 -12.46 30.44 8.54
N GLY B 57 -11.36 29.94 7.97
CA GLY B 57 -11.43 28.74 7.13
C GLY B 57 -11.62 27.46 7.94
N SER B 58 -10.87 27.29 9.04
CA SER B 58 -11.04 26.10 9.87
C SER B 58 -12.40 26.17 10.55
N ILE B 59 -12.86 27.37 10.90
CA ILE B 59 -14.19 27.54 11.48
C ILE B 59 -15.26 27.10 10.49
N MET B 60 -15.16 27.58 9.26
CA MET B 60 -16.10 27.25 8.19
C MET B 60 -16.19 25.73 7.96
N MET B 61 -15.04 25.07 7.78
CA MET B 61 -15.08 23.65 7.45
C MET B 61 -15.41 22.79 8.69
N GLY B 62 -14.79 23.12 9.82
CA GLY B 62 -14.81 22.31 11.02
C GLY B 62 -16.06 22.49 11.86
N GLN B 63 -16.56 23.73 11.98
CA GLN B 63 -17.66 24.06 12.88
C GLN B 63 -18.96 24.33 12.09
N VAL B 64 -18.87 25.14 11.03
CA VAL B 64 -20.04 25.59 10.31
C VAL B 64 -20.64 24.45 9.49
N THR B 65 -19.90 23.93 8.51
CA THR B 65 -20.46 22.86 7.68
C THR B 65 -20.21 21.48 8.30
N ARG B 66 -19.03 21.27 8.92
CA ARG B 66 -18.69 20.02 9.60
C ARG B 66 -18.40 18.87 8.61
N LYS B 67 -18.43 19.14 7.31
CA LYS B 67 -18.39 18.04 6.34
C LYS B 67 -17.08 17.28 6.48
N ALA B 68 -15.96 17.99 6.64
CA ALA B 68 -14.66 17.31 6.73
C ALA B 68 -14.54 16.55 8.05
N VAL B 69 -15.27 16.97 9.09
CA VAL B 69 -15.19 16.31 10.40
C VAL B 69 -16.13 15.10 10.46
N ASP B 70 -17.35 15.25 9.95
CA ASP B 70 -18.37 14.23 10.11
C ASP B 70 -18.44 13.31 8.89
N HIS B 71 -18.01 13.80 7.71
CA HIS B 71 -17.99 12.96 6.52
C HIS B 71 -16.69 13.16 5.76
N GLY B 72 -15.56 12.94 6.42
CA GLY B 72 -14.25 13.15 5.83
C GLY B 72 -14.03 12.44 4.49
N GLN B 73 -14.44 11.16 4.38
CA GLN B 73 -14.19 10.40 3.16
C GLN B 73 -14.93 11.02 1.95
N LYS B 74 -16.19 11.42 2.16
CA LYS B 74 -16.99 12.04 1.11
C LYS B 74 -16.38 13.38 0.69
N ARG B 75 -15.91 14.15 1.65
CA ARG B 75 -15.30 15.45 1.35
C ARG B 75 -14.07 15.26 0.46
N ALA B 76 -13.25 14.27 0.81
CA ALA B 76 -12.04 14.00 0.04
C ALA B 76 -12.40 13.58 -1.39
N ASP B 77 -13.31 12.62 -1.52
CA ASP B 77 -13.77 12.17 -2.83
C ASP B 77 -14.40 13.33 -3.61
N ASP B 78 -15.26 14.12 -2.97
CA ASP B 78 -15.96 15.20 -3.64
C ASP B 78 -15.00 16.26 -4.16
N THR B 79 -13.99 16.61 -3.34
CA THR B 79 -12.99 17.58 -3.76
C THR B 79 -12.21 17.05 -4.95
N LEU B 80 -11.75 15.81 -4.85
CA LEU B 80 -10.87 15.25 -5.86
C LEU B 80 -11.59 15.01 -7.20
N GLN B 81 -12.91 14.80 -7.19
CA GLN B 81 -13.65 14.69 -8.43
C GLN B 81 -13.43 15.95 -9.27
N HIS B 82 -13.45 17.12 -8.59
CA HIS B 82 -13.18 18.39 -9.23
C HIS B 82 -11.70 18.49 -9.65
N PHE B 83 -10.78 18.12 -8.75
CA PHE B 83 -9.36 18.36 -9.02
C PHE B 83 -8.92 17.56 -10.26
N TRP B 84 -9.26 16.26 -10.27
CA TRP B 84 -8.91 15.42 -11.40
C TRP B 84 -9.44 15.99 -12.71
N ARG B 85 -10.71 16.43 -12.72
CA ARG B 85 -11.33 17.01 -13.89
C ARG B 85 -10.57 18.26 -14.37
N TRP B 86 -10.24 19.18 -13.47
CA TRP B 86 -9.46 20.35 -13.83
C TRP B 86 -8.10 19.95 -14.40
N PHE B 87 -7.47 18.94 -13.77
CA PHE B 87 -6.10 18.60 -14.10
C PHE B 87 -6.06 17.92 -15.49
N GLU B 88 -7.14 17.19 -15.83
CA GLU B 88 -7.18 16.41 -17.05
C GLU B 88 -7.33 17.33 -18.28
N TYR B 89 -8.09 18.41 -18.16
CA TYR B 89 -8.53 19.16 -19.33
C TYR B 89 -8.05 20.62 -19.27
N GLY B 90 -7.90 21.20 -18.07
CA GLY B 90 -7.38 22.55 -18.01
C GLY B 90 -8.46 23.63 -18.13
N PRO B 91 -8.11 24.89 -17.80
CA PRO B 91 -9.09 25.96 -17.67
C PRO B 91 -9.73 26.43 -18.98
N ALA B 92 -9.16 26.07 -20.13
CA ALA B 92 -9.75 26.50 -21.41
C ALA B 92 -10.91 25.59 -21.80
N ASP B 93 -11.07 24.48 -21.06
CA ASP B 93 -12.01 23.44 -21.44
C ASP B 93 -13.31 23.60 -20.67
N GLU B 94 -14.42 23.55 -21.41
CA GLU B 94 -15.77 23.68 -20.85
C GLU B 94 -16.03 22.71 -19.70
N ARG B 95 -15.54 21.46 -19.81
CA ARG B 95 -15.77 20.44 -18.81
C ARG B 95 -15.21 20.88 -17.45
N ALA B 96 -14.02 21.50 -17.47
CA ALA B 96 -13.40 21.98 -16.24
C ALA B 96 -14.09 23.26 -15.75
N GLN B 97 -14.40 24.16 -16.68
CA GLN B 97 -15.05 25.42 -16.39
C GLN B 97 -16.40 25.21 -15.70
N ALA B 98 -17.17 24.22 -16.17
CA ALA B 98 -18.50 23.99 -15.61
C ALA B 98 -18.40 23.42 -14.20
N SER B 99 -17.35 22.64 -13.92
CA SER B 99 -17.06 22.15 -12.58
C SER B 99 -16.70 23.32 -11.65
N LEU B 100 -15.79 24.16 -12.10
CA LEU B 100 -15.36 25.31 -11.32
C LEU B 100 -16.52 26.26 -11.04
N ALA B 101 -17.43 26.39 -12.00
CA ALA B 101 -18.60 27.26 -11.82
C ALA B 101 -19.41 26.78 -10.62
N GLN B 102 -19.51 25.46 -10.45
CA GLN B 102 -20.18 24.86 -9.29
C GLN B 102 -19.44 25.18 -7.99
N VAL B 103 -18.10 25.04 -8.00
CA VAL B 103 -17.30 25.37 -6.84
C VAL B 103 -17.47 26.87 -6.52
N ASN B 104 -17.41 27.75 -7.53
CA ASN B 104 -17.65 29.17 -7.28
C ASN B 104 -19.01 29.41 -6.61
N LYS B 105 -20.05 28.68 -7.06
CA LYS B 105 -21.38 28.87 -6.50
C LYS B 105 -21.38 28.44 -5.02
N ILE B 106 -20.71 27.30 -4.73
CA ILE B 106 -20.62 26.82 -3.35
C ILE B 106 -19.96 27.89 -2.49
N HIS B 107 -18.80 28.37 -2.93
CA HIS B 107 -18.04 29.31 -2.13
C HIS B 107 -18.85 30.59 -1.92
N GLN B 108 -19.58 31.03 -2.97
CA GLN B 108 -20.40 32.24 -2.88
C GLN B 108 -21.44 32.15 -1.77
N ALA B 109 -22.07 30.98 -1.58
CA ALA B 109 -23.11 30.85 -0.56
C ALA B 109 -22.46 30.80 0.84
N LEU B 110 -21.28 30.14 0.90
CA LEU B 110 -20.55 30.08 2.15
C LEU B 110 -20.08 31.46 2.60
N ALA B 111 -19.68 32.29 1.64
CA ALA B 111 -19.16 33.62 1.95
C ALA B 111 -20.25 34.53 2.49
N LYS B 112 -21.51 34.30 2.06
CA LYS B 112 -22.66 35.03 2.61
C LYS B 112 -22.91 34.61 4.05
N ARG B 113 -22.67 33.34 4.37
CA ARG B 113 -22.85 32.86 5.73
C ARG B 113 -21.77 33.41 6.63
N GLN B 114 -20.53 33.60 6.12
CA GLN B 114 -19.42 34.04 6.95
C GLN B 114 -18.50 34.91 6.11
N PRO B 115 -18.78 36.22 5.97
CA PRO B 115 -17.92 37.11 5.20
C PRO B 115 -16.46 37.08 5.68
N GLY B 116 -15.53 37.26 4.73
CA GLY B 116 -14.11 37.31 5.02
C GLY B 116 -13.41 35.95 4.89
N THR B 117 -14.17 34.90 4.56
CA THR B 117 -13.64 33.54 4.45
C THR B 117 -12.97 33.32 3.09
N PHE B 118 -13.32 34.09 2.05
CA PHE B 118 -12.82 33.79 0.71
C PHE B 118 -12.19 35.03 0.06
N PRO B 119 -11.19 35.67 0.69
CA PRO B 119 -10.49 36.79 0.07
C PRO B 119 -9.62 36.26 -1.07
N ALA B 120 -9.34 37.12 -2.04
CA ALA B 120 -8.49 36.76 -3.16
C ALA B 120 -7.16 36.19 -2.64
N ARG B 121 -6.69 36.74 -1.52
CA ARG B 121 -5.46 36.27 -0.90
C ARG B 121 -5.46 34.74 -0.82
N ASP B 122 -6.60 34.16 -0.41
CA ASP B 122 -6.65 32.75 -0.06
C ASP B 122 -6.88 31.91 -1.31
N VAL B 123 -7.56 32.47 -2.30
CA VAL B 123 -7.68 31.79 -3.56
C VAL B 123 -6.29 31.73 -4.21
N ILE B 124 -5.53 32.83 -4.19
CA ILE B 124 -4.16 32.79 -4.70
C ILE B 124 -3.34 31.77 -3.93
N TYR B 125 -3.39 31.80 -2.59
CA TYR B 125 -2.58 30.89 -1.81
C TYR B 125 -2.90 29.43 -2.11
N THR B 126 -4.20 29.10 -2.08
CA THR B 126 -4.63 27.72 -2.22
C THR B 126 -4.26 27.23 -3.61
N SER B 127 -4.55 28.01 -4.65
CA SER B 127 -4.24 27.55 -5.98
C SER B 127 -2.72 27.46 -6.14
N SER B 128 -1.98 28.40 -5.53
CA SER B 128 -0.53 28.38 -5.68
C SER B 128 0.06 27.17 -4.95
N TRP B 129 -0.53 26.84 -3.79
CA TRP B 129 -0.13 25.69 -2.99
C TRP B 129 -0.25 24.45 -3.87
N ILE B 130 -1.36 24.35 -4.61
CA ILE B 130 -1.61 23.14 -5.39
C ILE B 130 -0.60 23.08 -6.55
N GLY B 131 -0.38 24.23 -7.16
CA GLY B 131 0.53 24.37 -8.29
C GLY B 131 1.99 24.03 -7.94
N VAL B 132 2.38 24.22 -6.66
CA VAL B 132 3.73 23.85 -6.23
C VAL B 132 3.75 22.61 -5.32
N ALA B 133 2.62 21.92 -5.14
CA ALA B 133 2.52 20.85 -4.16
C ALA B 133 3.46 19.68 -4.44
N PHE B 134 3.36 19.17 -5.68
CA PHE B 134 4.16 18.03 -6.06
C PHE B 134 5.64 18.45 -6.09
N HIS B 135 5.88 19.68 -6.50
CA HIS B 135 7.24 20.25 -6.51
C HIS B 135 7.83 20.16 -5.13
N ARG B 136 7.11 20.65 -4.13
CA ARG B 136 7.61 20.72 -2.77
C ARG B 136 7.74 19.33 -2.15
N LEU B 137 6.76 18.47 -2.41
CA LEU B 137 6.82 17.09 -1.95
C LEU B 137 8.07 16.38 -2.47
N ARG B 138 8.38 16.56 -3.74
CA ARG B 138 9.55 15.95 -4.35
C ARG B 138 10.84 16.46 -3.68
N LEU B 139 10.91 17.78 -3.41
CA LEU B 139 12.11 18.37 -2.81
C LEU B 139 12.26 17.83 -1.39
N ALA B 140 11.13 17.65 -0.68
CA ALA B 140 11.15 17.14 0.69
C ALA B 140 11.69 15.71 0.68
N ALA B 141 11.40 14.95 -0.39
CA ALA B 141 11.86 13.56 -0.47
C ALA B 141 13.23 13.44 -1.13
N GLY B 142 13.91 14.55 -1.45
CA GLY B 142 15.27 14.49 -1.98
C GLY B 142 15.29 14.21 -3.49
N LEU B 143 14.14 14.39 -4.15
CA LEU B 143 14.06 14.24 -5.60
C LEU B 143 14.21 15.60 -6.26
N PRO B 144 14.54 15.66 -7.57
CA PRO B 144 14.50 16.90 -8.34
C PRO B 144 13.10 17.48 -8.38
N GLY B 145 13.00 18.82 -8.40
CA GLY B 145 11.76 19.53 -8.57
C GLY B 145 11.25 19.43 -10.00
N LEU B 146 10.10 20.06 -10.25
CA LEU B 146 9.60 20.20 -11.61
C LEU B 146 10.68 20.74 -12.55
N SER B 147 10.66 20.24 -13.80
CA SER B 147 11.59 20.64 -14.84
C SER B 147 11.22 22.04 -15.35
N ASP B 148 12.08 22.65 -16.18
CA ASP B 148 11.85 23.99 -16.67
C ASP B 148 10.42 24.14 -17.22
N LYS B 149 10.04 23.23 -18.13
CA LYS B 149 8.77 23.34 -18.83
C LYS B 149 7.60 23.03 -17.89
N GLN B 150 7.82 22.11 -16.95
CA GLN B 150 6.78 21.80 -15.98
C GLN B 150 6.51 23.01 -15.10
N ARG B 151 7.55 23.75 -14.74
CA ARG B 151 7.36 24.90 -13.85
C ARG B 151 6.57 26.00 -14.58
N ILE B 152 6.95 26.29 -15.82
CA ILE B 152 6.33 27.33 -16.62
C ILE B 152 4.86 26.98 -16.82
N ALA B 153 4.61 25.72 -17.16
CA ALA B 153 3.26 25.26 -17.50
C ALA B 153 2.37 25.39 -16.27
N ALA B 154 2.93 25.01 -15.09
CA ALA B 154 2.15 24.97 -13.86
C ALA B 154 1.70 26.39 -13.53
N HIS B 155 2.61 27.34 -13.70
CA HIS B 155 2.26 28.75 -13.58
C HIS B 155 1.10 29.15 -14.50
N HIS B 156 1.22 28.87 -15.82
CA HIS B 156 0.20 29.31 -16.76
C HIS B 156 -1.14 28.65 -16.45
N PHE B 157 -1.09 27.39 -16.03
CA PHE B 157 -2.27 26.61 -15.72
C PHE B 157 -3.06 27.28 -14.61
N TRP B 158 -2.35 27.61 -13.52
CA TRP B 158 -3.00 28.15 -12.33
C TRP B 158 -3.29 29.64 -12.48
N ALA B 159 -2.48 30.37 -13.25
CA ALA B 159 -2.85 31.74 -13.61
C ALA B 159 -4.19 31.71 -14.36
N GLY B 160 -4.32 30.74 -15.26
CA GLY B 160 -5.57 30.59 -16.03
C GLY B 160 -6.77 30.31 -15.12
N PHE B 161 -6.62 29.36 -14.19
CA PHE B 161 -7.71 29.00 -13.30
C PHE B 161 -8.02 30.17 -12.37
N GLY B 162 -6.97 30.88 -11.94
CA GLY B 162 -7.11 32.08 -11.15
C GLY B 162 -8.11 33.06 -11.77
N SER B 163 -7.96 33.29 -13.09
CA SER B 163 -8.74 34.29 -13.81
C SER B 163 -10.24 33.96 -13.80
N ILE B 164 -10.65 32.71 -13.54
CA ILE B 164 -12.05 32.33 -13.54
C ILE B 164 -12.47 31.85 -12.17
N PHE B 165 -11.63 32.12 -11.16
CA PHE B 165 -11.89 31.68 -9.81
C PHE B 165 -12.47 32.85 -9.05
N TRP B 166 -13.68 32.65 -8.52
CA TRP B 166 -14.35 33.68 -7.75
C TRP B 166 -13.69 33.85 -6.38
N SER B 167 -13.66 35.10 -5.91
CA SER B 167 -13.32 35.46 -4.55
C SER B 167 -14.19 36.63 -4.11
N GLU B 168 -14.20 36.92 -2.80
CA GLU B 168 -14.94 38.07 -2.26
C GLU B 168 -14.40 39.40 -2.78
N ASP B 169 -13.19 39.40 -3.32
CA ASP B 169 -12.62 40.61 -3.89
C ASP B 169 -12.86 40.64 -5.40
N GLY B 170 -13.61 39.66 -5.93
CA GLY B 170 -13.83 39.51 -7.36
C GLY B 170 -13.00 38.36 -7.92
N TYR B 171 -13.22 38.05 -9.20
CA TYR B 171 -12.45 37.03 -9.92
C TYR B 171 -10.99 37.43 -9.89
N VAL B 172 -10.11 36.45 -9.70
CA VAL B 172 -8.71 36.74 -9.38
C VAL B 172 -7.94 37.09 -10.66
N THR B 173 -7.84 38.39 -10.93
CA THR B 173 -7.23 38.89 -12.16
C THR B 173 -5.72 39.06 -12.01
N ASN B 174 -5.25 39.43 -10.80
CA ASN B 174 -3.85 39.77 -10.56
C ASN B 174 -3.10 38.61 -9.87
N TYR B 175 -2.64 37.64 -10.66
CA TYR B 175 -2.06 36.41 -10.12
C TYR B 175 -0.53 36.53 -10.03
N PRO B 176 0.14 35.82 -9.10
CA PRO B 176 1.59 35.67 -9.16
C PRO B 176 2.09 35.40 -10.58
N ASP B 177 3.24 36.01 -10.91
N ASP B 177 3.21 36.02 -10.94
CA ASP B 177 3.64 36.28 -12.27
CA ASP B 177 3.53 36.23 -12.34
C ASP B 177 4.49 35.15 -12.85
C ASP B 177 4.53 35.19 -12.84
N SER B 178 4.80 34.15 -12.03
CA SER B 178 5.72 33.08 -12.41
C SER B 178 5.58 31.95 -11.40
N PHE B 179 6.16 30.79 -11.71
CA PHE B 179 6.22 29.66 -10.79
C PHE B 179 6.94 30.10 -9.51
N GLU B 180 8.10 30.77 -9.69
CA GLU B 180 8.89 31.29 -8.60
C GLU B 180 8.05 32.21 -7.74
N ALA B 181 7.23 33.06 -8.35
CA ALA B 181 6.38 33.97 -7.59
C ALA B 181 5.30 33.23 -6.82
N MET B 182 4.85 32.09 -7.36
CA MET B 182 3.86 31.26 -6.67
C MET B 182 4.49 30.66 -5.41
N LEU B 183 5.72 30.15 -5.54
CA LEU B 183 6.42 29.54 -4.45
C LEU B 183 6.66 30.56 -3.32
N LYS B 184 7.07 31.78 -3.68
CA LYS B 184 7.35 32.82 -2.69
C LYS B 184 6.05 33.31 -2.03
N PHE B 185 4.95 33.37 -2.78
CA PHE B 185 3.70 33.72 -2.15
C PHE B 185 3.33 32.66 -1.11
N VAL B 186 3.44 31.38 -1.48
CA VAL B 186 3.12 30.30 -0.57
C VAL B 186 4.01 30.37 0.68
N GLU B 187 5.31 30.63 0.50
CA GLU B 187 6.27 30.67 1.60
C GLU B 187 6.00 31.87 2.50
N ASP B 188 5.71 33.02 1.90
CA ASP B 188 5.39 34.23 2.64
C ASP B 188 4.12 34.03 3.47
N TYR B 189 3.09 33.45 2.85
CA TYR B 189 1.84 33.23 3.57
C TYR B 189 2.06 32.29 4.75
N GLU B 190 2.84 31.24 4.54
CA GLU B 190 3.11 30.27 5.60
C GLU B 190 3.99 30.84 6.72
N ALA B 191 4.64 31.99 6.48
CA ALA B 191 5.45 32.63 7.52
C ALA B 191 4.61 33.62 8.32
N GLU B 192 3.35 33.87 7.91
CA GLU B 192 2.50 34.85 8.59
C GLU B 192 2.13 34.34 9.98
N ASP B 193 1.71 35.29 10.82
CA ASP B 193 1.43 35.07 12.22
C ASP B 193 -0.06 34.72 12.37
N TRP B 194 -0.46 33.57 11.82
CA TRP B 194 -1.85 33.16 11.89
C TRP B 194 -2.24 32.88 13.34
N GLU B 195 -3.45 33.30 13.70
CA GLU B 195 -3.98 33.03 15.03
C GLU B 195 -4.23 31.54 15.16
N LYS B 196 -3.72 30.93 16.24
CA LYS B 196 -3.92 29.51 16.50
C LYS B 196 -5.25 29.33 17.24
N VAL B 197 -6.09 28.43 16.72
CA VAL B 197 -7.47 28.29 17.17
C VAL B 197 -7.82 26.81 17.24
N GLU B 198 -8.76 26.47 18.14
CA GLU B 198 -9.08 25.07 18.39
C GLU B 198 -9.68 24.43 17.13
N SER B 199 -10.40 25.23 16.34
CA SER B 199 -10.99 24.76 15.11
C SER B 199 -9.92 24.19 14.18
N GLY B 200 -8.71 24.79 14.18
CA GLY B 200 -7.61 24.35 13.35
C GLY B 200 -7.13 22.94 13.72
N ARG B 201 -6.94 22.71 15.04
CA ARG B 201 -6.57 21.40 15.54
C ARG B 201 -7.62 20.37 15.15
N ILE B 202 -8.90 20.69 15.40
CA ILE B 202 -9.96 19.73 15.19
C ILE B 202 -10.00 19.34 13.71
N LEU B 203 -9.95 20.33 12.82
CA LEU B 203 -10.02 20.07 11.40
C LEU B 203 -8.78 19.34 10.90
N GLY B 204 -7.60 19.80 11.29
CA GLY B 204 -6.37 19.17 10.84
C GLY B 204 -6.32 17.69 11.19
N GLN B 205 -6.77 17.37 12.40
CA GLN B 205 -6.81 16.00 12.88
C GLN B 205 -7.83 15.17 12.10
N ALA B 206 -9.03 15.69 11.81
CA ALA B 206 -10.01 14.98 11.02
C ALA B 206 -9.52 14.76 9.58
N ILE B 207 -8.80 15.74 9.04
CA ILE B 207 -8.24 15.60 7.69
C ILE B 207 -7.21 14.45 7.70
N ASN B 208 -6.29 14.50 8.66
CA ASN B 208 -5.27 13.48 8.78
C ASN B 208 -5.91 12.08 8.92
N GLU B 209 -6.92 11.97 9.78
CA GLU B 209 -7.55 10.70 10.07
C GLU B 209 -8.23 10.11 8.83
N GLN B 210 -8.79 10.94 7.96
CA GLN B 210 -9.39 10.42 6.72
C GLN B 210 -8.34 9.67 5.89
N PHE B 211 -7.15 10.25 5.78
CA PHE B 211 -6.08 9.63 5.03
C PHE B 211 -5.65 8.32 5.67
N TYR B 212 -5.48 8.32 7.00
CA TYR B 212 -5.10 7.11 7.73
C TYR B 212 -6.18 6.05 7.49
N ASP B 213 -7.46 6.41 7.65
CA ASP B 213 -8.53 5.45 7.54
C ASP B 213 -8.58 4.85 6.14
N ALA B 214 -8.27 5.64 5.09
CA ALA B 214 -8.34 5.14 3.74
C ALA B 214 -7.15 4.25 3.37
N TYR B 215 -5.92 4.69 3.72
CA TYR B 215 -4.70 4.05 3.22
C TYR B 215 -3.83 3.42 4.30
N PHE B 216 -4.02 3.77 5.58
CA PHE B 216 -3.19 3.19 6.64
C PHE B 216 -4.08 2.72 7.78
N PRO B 217 -5.03 1.78 7.53
CA PRO B 217 -5.98 1.34 8.55
C PRO B 217 -5.34 0.44 9.61
N GLY B 218 -5.99 0.35 10.78
CA GLY B 218 -5.52 -0.47 11.88
C GLY B 218 -4.08 -0.13 12.23
N GLN B 219 -3.24 -1.16 12.26
CA GLN B 219 -1.91 -1.09 12.86
C GLN B 219 -0.99 -0.23 11.99
N LEU B 220 -1.39 0.03 10.72
CA LEU B 220 -0.63 0.86 9.80
C LEU B 220 -0.72 2.36 10.14
N ARG B 221 -1.66 2.77 10.98
CA ARG B 221 -1.86 4.20 11.25
C ARG B 221 -0.52 4.89 11.58
N ALA B 222 0.30 4.29 12.45
CA ALA B 222 1.52 4.94 12.90
C ALA B 222 2.40 5.32 11.72
N LEU B 223 2.49 4.41 10.75
CA LEU B 223 3.27 4.63 9.53
C LEU B 223 2.69 5.79 8.72
N GLY B 224 1.37 5.79 8.56
CA GLY B 224 0.70 6.84 7.84
C GLY B 224 0.95 8.20 8.46
N GLU B 225 0.87 8.25 9.80
CA GLU B 225 1.13 9.48 10.52
C GLU B 225 2.55 9.98 10.26
N GLN B 226 3.53 9.08 10.21
CA GLN B 226 4.90 9.53 9.98
C GLN B 226 4.99 10.13 8.57
N LEU B 227 4.25 9.55 7.63
CA LEU B 227 4.33 10.04 6.26
C LEU B 227 3.81 11.48 6.18
N VAL B 228 2.59 11.70 6.68
CA VAL B 228 1.99 13.02 6.70
C VAL B 228 2.88 14.02 7.46
N LEU B 229 3.32 13.68 8.68
CA LEU B 229 4.06 14.61 9.53
C LEU B 229 5.44 14.91 8.95
N SER B 230 5.98 13.98 8.15
CA SER B 230 7.24 14.20 7.47
C SER B 230 7.10 15.19 6.30
N LEU B 231 5.89 15.32 5.73
CA LEU B 231 5.69 16.15 4.54
C LEU B 231 5.03 17.47 4.90
N GLN B 232 4.22 17.50 5.96
CA GLN B 232 3.53 18.71 6.33
C GLN B 232 4.55 19.74 6.83
N THR B 233 4.34 21.02 6.53
CA THR B 233 5.33 22.03 6.90
C THR B 233 5.36 22.17 8.41
N PRO B 234 6.55 22.41 9.02
CA PRO B 234 6.64 22.64 10.46
C PRO B 234 5.63 23.66 10.97
N GLY B 235 5.45 24.78 10.24
CA GLY B 235 4.54 25.85 10.62
C GLY B 235 3.09 25.39 10.77
N ILE B 236 2.64 24.56 9.83
CA ILE B 236 1.26 24.09 9.83
C ILE B 236 1.07 23.01 10.91
N ARG B 237 2.08 22.17 11.13
CA ARG B 237 1.98 21.17 12.20
C ARG B 237 1.78 21.85 13.55
N ARG B 238 2.58 22.87 13.86
CA ARG B 238 2.48 23.59 15.13
C ARG B 238 1.12 24.28 15.24
N LEU B 239 0.73 24.96 14.16
CA LEU B 239 -0.51 25.70 14.15
C LEU B 239 -1.71 24.79 14.39
N MET B 240 -1.66 23.54 13.91
CA MET B 240 -2.79 22.64 14.02
C MET B 240 -2.53 21.53 15.05
N ASP B 241 -1.49 21.64 15.87
CA ASP B 241 -1.22 20.69 16.94
C ASP B 241 -1.10 19.27 16.37
N MET B 242 -0.43 19.12 15.23
CA MET B 242 -0.28 17.80 14.63
C MET B 242 0.87 17.01 15.26
N GLY B 243 1.79 17.70 15.91
CA GLY B 243 2.99 17.06 16.43
C GLY B 243 4.09 17.04 15.38
N ASP B 244 5.20 16.37 15.71
CA ASP B 244 6.36 16.34 14.83
C ASP B 244 6.76 14.89 14.58
N PRO B 245 7.33 14.62 13.40
CA PRO B 245 7.69 13.25 13.03
C PRO B 245 8.84 12.77 13.90
N ASP B 246 8.93 11.46 14.04
CA ASP B 246 10.11 10.84 14.62
C ASP B 246 11.24 11.03 13.62
N PRO B 247 12.37 11.68 13.98
CA PRO B 247 13.45 11.93 13.01
C PRO B 247 13.95 10.70 12.24
N GLN B 248 14.04 9.54 12.91
CA GLN B 248 14.43 8.30 12.23
C GLN B 248 13.36 7.88 11.22
N ALA B 249 12.10 7.83 11.64
CA ALA B 249 11.05 7.42 10.73
C ALA B 249 10.99 8.35 9.52
N GLN B 250 11.15 9.65 9.75
CA GLN B 250 11.04 10.66 8.70
C GLN B 250 12.03 10.37 7.59
N LYS B 251 13.30 10.11 7.96
CA LYS B 251 14.30 9.85 6.97
C LYS B 251 13.93 8.59 6.19
N ILE B 252 13.39 7.59 6.89
CA ILE B 252 13.03 6.35 6.21
C ILE B 252 11.83 6.58 5.28
N VAL B 253 10.79 7.27 5.73
CA VAL B 253 9.59 7.34 4.92
C VAL B 253 9.86 8.23 3.70
N LEU B 254 10.72 9.23 3.87
CA LEU B 254 11.05 10.11 2.75
C LEU B 254 11.88 9.36 1.72
N MET B 255 12.77 8.46 2.15
CA MET B 255 13.55 7.67 1.21
C MET B 255 12.62 6.69 0.49
N MET B 256 11.65 6.11 1.22
CA MET B 256 10.73 5.17 0.59
C MET B 256 9.92 5.89 -0.50
N LEU B 257 9.52 7.15 -0.26
CA LEU B 257 8.74 7.92 -1.19
C LEU B 257 9.59 8.29 -2.40
N ASN B 258 10.81 8.78 -2.14
CA ASN B 258 11.84 8.97 -3.16
C ASN B 258 11.93 7.73 -4.06
N GLN B 259 12.14 6.55 -3.46
CA GLN B 259 12.36 5.33 -4.23
C GLN B 259 11.13 4.90 -5.05
N TYR B 260 9.95 5.02 -4.47
CA TYR B 260 8.73 4.68 -5.18
C TYR B 260 8.56 5.57 -6.42
N LEU B 261 8.77 6.88 -6.26
CA LEU B 261 8.66 7.78 -7.39
C LEU B 261 9.76 7.50 -8.41
N THR B 262 10.97 7.19 -7.94
CA THR B 262 12.05 6.85 -8.87
C THR B 262 11.63 5.63 -9.69
N LEU B 263 11.06 4.63 -9.01
CA LEU B 263 10.73 3.38 -9.66
C LEU B 263 9.71 3.60 -10.78
N ILE B 264 8.66 4.36 -10.50
CA ILE B 264 7.61 4.46 -11.50
C ILE B 264 8.02 5.45 -12.60
N GLU B 265 8.88 6.44 -12.28
CA GLU B 265 9.22 7.48 -13.22
C GLU B 265 10.37 7.02 -14.11
N ASP B 266 11.40 6.42 -13.52
CA ASP B 266 12.64 6.16 -14.25
C ASP B 266 12.75 4.70 -14.68
N VAL B 267 12.14 3.76 -13.95
CA VAL B 267 12.45 2.36 -14.18
C VAL B 267 11.29 1.63 -14.85
N LEU B 268 10.12 1.59 -14.22
CA LEU B 268 9.01 0.83 -14.77
C LEU B 268 8.38 1.53 -15.97
N PRO B 269 7.79 0.78 -16.93
CA PRO B 269 7.17 1.40 -18.11
C PRO B 269 6.16 2.47 -17.69
N ASP B 270 6.16 3.58 -18.45
CA ASP B 270 5.23 4.67 -18.22
C ASP B 270 3.83 4.12 -18.43
N PRO B 271 2.81 4.64 -17.73
CA PRO B 271 1.44 4.29 -18.04
C PRO B 271 1.07 4.80 -19.43
N GLU B 272 0.18 4.05 -20.09
CA GLU B 272 -0.28 4.42 -21.42
C GLU B 272 -1.44 5.40 -21.31
N LEU B 273 -2.22 5.30 -20.22
CA LEU B 273 -3.37 6.15 -20.02
C LEU B 273 -3.20 6.94 -18.72
N SER B 274 -3.81 8.15 -18.67
CA SER B 274 -3.92 8.89 -17.41
C SER B 274 -4.75 8.09 -16.40
N ARG B 275 -4.69 8.48 -15.12
CA ARG B 275 -5.43 7.75 -14.11
C ARG B 275 -6.95 7.91 -14.31
N PRO B 276 -7.47 9.14 -14.58
CA PRO B 276 -8.89 9.31 -14.91
C PRO B 276 -9.33 8.38 -16.04
N GLU B 277 -8.54 8.31 -17.11
CA GLU B 277 -8.85 7.39 -18.20
C GLU B 277 -8.91 5.95 -17.70
N ARG B 278 -7.88 5.52 -16.99
CA ARG B 278 -7.90 4.18 -16.39
C ARG B 278 -9.16 3.99 -15.57
N ALA B 279 -9.48 4.98 -14.75
CA ALA B 279 -10.61 4.88 -13.84
C ALA B 279 -11.93 4.69 -14.60
N ARG B 280 -12.10 5.42 -15.72
CA ARG B 280 -13.33 5.36 -16.49
C ARG B 280 -13.47 4.01 -17.21
N LEU B 281 -12.41 3.20 -17.31
CA LEU B 281 -12.56 1.87 -17.86
C LEU B 281 -13.04 0.85 -16.82
N GLU B 282 -13.02 1.16 -15.50
CA GLU B 282 -13.34 0.12 -14.54
C GLU B 282 -14.85 -0.10 -14.51
N GLY B 283 -15.28 -1.33 -14.20
CA GLY B 283 -16.70 -1.71 -14.13
C GLY B 283 -17.52 -0.75 -13.26
N ILE B 284 -16.98 -0.44 -12.07
CA ILE B 284 -17.54 0.51 -11.12
C ILE B 284 -16.64 1.74 -11.10
N ARG B 285 -17.26 2.91 -11.12
CA ARG B 285 -16.47 4.12 -11.22
C ARG B 285 -15.84 4.38 -9.86
N PRO B 286 -14.50 4.48 -9.77
CA PRO B 286 -13.91 4.87 -8.49
C PRO B 286 -14.42 6.26 -8.10
N PRO B 287 -14.71 6.44 -6.80
CA PRO B 287 -15.29 7.66 -6.25
C PRO B 287 -14.56 8.96 -6.58
N GLN B 288 -13.23 8.93 -6.67
CA GLN B 288 -12.48 10.13 -7.05
C GLN B 288 -12.76 10.56 -8.50
N HIS B 289 -13.29 9.64 -9.31
CA HIS B 289 -13.35 9.79 -10.76
C HIS B 289 -14.77 9.75 -11.30
N ILE B 290 -15.75 9.79 -10.40
CA ILE B 290 -17.10 10.16 -10.78
C ILE B 290 -17.06 11.61 -11.30
N ASP B 291 -17.83 11.88 -12.36
CA ASP B 291 -17.81 13.19 -12.98
C ASP B 291 -18.33 14.23 -11.97
N PRO B 292 -17.57 15.31 -11.72
CA PRO B 292 -17.97 16.33 -10.73
C PRO B 292 -19.32 16.95 -11.06
N PRO B 293 -20.07 17.44 -10.06
CA PRO B 293 -21.25 18.26 -10.32
C PRO B 293 -20.80 19.54 -11.01
N ILE B 294 -21.70 20.08 -11.84
CA ILE B 294 -21.37 21.23 -12.64
C ILE B 294 -22.51 22.24 -12.54
N ALA B 295 -22.21 23.46 -13.00
CA ALA B 295 -23.18 24.52 -13.08
C ALA B 295 -23.00 25.27 -14.39
N LYS B 296 -23.88 26.25 -14.63
CA LYS B 296 -23.80 27.07 -15.82
C LYS B 296 -22.53 27.90 -15.76
N ILE B 297 -21.80 27.93 -16.87
CA ILE B 297 -20.61 28.75 -17.02
C ILE B 297 -21.04 30.21 -17.13
N LEU B 298 -20.70 31.02 -16.12
CA LEU B 298 -21.10 32.40 -16.02
C LEU B 298 -19.96 33.32 -16.48
N CYS B 299 -18.74 32.97 -16.06
CA CYS B 299 -17.56 33.78 -16.31
C CYS B 299 -16.58 32.93 -17.13
N PRO B 300 -16.63 32.99 -18.48
CA PRO B 300 -15.88 32.05 -19.32
C PRO B 300 -14.40 32.43 -19.40
N PHE B 301 -13.55 31.42 -19.59
CA PHE B 301 -12.12 31.62 -19.70
C PHE B 301 -11.81 32.44 -20.94
N LYS B 302 -10.89 33.42 -20.81
CA LYS B 302 -10.47 34.23 -21.95
C LYS B 302 -8.96 34.06 -22.17
N GLY B 303 -8.18 33.94 -21.08
CA GLY B 303 -6.74 33.77 -21.16
C GLY B 303 -6.01 34.91 -20.46
#